data_6L26
#
_entry.id   6L26
#
_cell.length_a   50.857
_cell.length_b   62.160
_cell.length_c   69.202
_cell.angle_alpha   90.000
_cell.angle_beta   90.000
_cell.angle_gamma   90.000
#
_symmetry.space_group_name_H-M   'P 21 21 21'
#
loop_
_entity.id
_entity.type
_entity.pdbx_description
1 polymer 'Green fluorescent protein'
2 non-polymer trideuteriooxidanium
3 water water
#
_entity_poly.entity_id   1
_entity_poly.type   'polypeptide(L)'
_entity_poly.pdbx_seq_one_letter_code
;MGEELFTGVVPILVELDGDVNGHKFSVSGEGEGDATYGKLTLKFISTTGKLPVPWPTLVTTL(CRO)VQCFSRYPDHMKR
HDFFKSAMPEGYVQERTIFFKDDGNYKTRAEVKFEGDTLVNRIELKGIDFKEDGNILGHKLEYNYNSHNVYIMADKQKQG
IKVNFKTRHNIEDGSVQLADHYQQNTPIGDGPVLLPDNHYLSTQSALSKDPNEKRDHMVLLEFVTAAGITH
;
_entity_poly.pdbx_strand_id   A
#
loop_
_chem_comp.id
_chem_comp.type
_chem_comp.name
_chem_comp.formula
D3O non-polymer trideuteriooxidanium 'D3 O 1'
#
# COMPACT_ATOMS: atom_id res chain seq x y z
N MET A 1 16.59 6.08 11.63
CA MET A 1 16.07 5.25 12.71
C MET A 1 14.90 5.96 13.36
N GLY A 2 13.78 5.97 12.65
CA GLY A 2 12.68 6.80 13.02
C GLY A 2 11.50 6.19 13.76
N GLU A 3 11.64 5.08 14.47
CA GLU A 3 10.53 4.51 15.24
C GLU A 3 9.81 5.58 16.08
N GLU A 4 10.58 6.46 16.70
CA GLU A 4 10.02 7.44 17.63
C GLU A 4 9.09 8.45 16.96
N LEU A 5 9.21 8.58 15.64
CA LEU A 5 8.36 9.50 14.88
C LEU A 5 6.92 9.03 14.77
N PHE A 6 6.67 7.79 15.18
CA PHE A 6 5.37 7.13 14.99
C PHE A 6 4.60 6.82 16.29
N THR A 7 5.06 7.35 17.41
CA THR A 7 4.41 7.01 18.69
C THR A 7 3.05 7.67 18.85
N GLY A 8 2.79 8.73 18.07
CA GLY A 8 1.51 9.42 18.10
C GLY A 8 0.76 9.30 16.78
N VAL A 9 -0.28 10.13 16.63
CA VAL A 9 -1.07 10.18 15.41
C VAL A 9 -0.33 11.06 14.41
N VAL A 10 -0.13 10.52 13.23
CA VAL A 10 0.67 11.17 12.19
C VAL A 10 -0.24 11.46 10.98
N PRO A 11 -0.28 12.71 10.50
CA PRO A 11 -1.04 13.00 9.27
C PRO A 11 -0.37 12.32 8.08
N ILE A 12 -1.21 11.87 7.14
CA ILE A 12 -0.76 11.19 5.93
C ILE A 12 -1.30 11.88 4.72
N LEU A 13 -0.45 12.00 3.69
CA LEU A 13 -0.89 12.46 2.40
CA LEU A 13 -0.83 12.46 2.33
C LEU A 13 -0.40 11.43 1.34
N VAL A 14 -1.26 11.10 0.41
CA VAL A 14 -0.95 10.16 -0.66
C VAL A 14 -1.24 10.85 -1.99
N GLU A 15 -0.32 10.73 -2.95
CA GLU A 15 -0.50 11.33 -4.26
C GLU A 15 -0.04 10.32 -5.30
N LEU A 16 -0.95 9.92 -6.20
CA LEU A 16 -0.68 8.92 -7.20
C LEU A 16 -1.00 9.47 -8.59
N ASP A 17 -0.09 9.22 -9.53
CA ASP A 17 -0.36 9.40 -10.95
C ASP A 17 -0.32 8.03 -11.61
N GLY A 18 -1.33 7.71 -12.41
CA GLY A 18 -1.45 6.40 -12.99
C GLY A 18 -1.76 6.43 -14.47
N ASP A 19 -1.40 5.34 -15.12
CA ASP A 19 -1.72 5.10 -16.52
C ASP A 19 -1.91 3.60 -16.65
N VAL A 20 -3.15 3.15 -16.91
CA VAL A 20 -3.42 1.73 -17.09
C VAL A 20 -3.96 1.56 -18.52
N ASN A 21 -3.21 0.86 -19.36
CA ASN A 21 -3.59 0.66 -20.75
C ASN A 21 -3.92 1.99 -21.44
N GLY A 22 -3.17 3.05 -21.12
CA GLY A 22 -3.38 4.35 -21.73
C GLY A 22 -4.41 5.23 -21.07
N HIS A 23 -5.13 4.69 -20.09
CA HIS A 23 -6.11 5.46 -19.35
C HIS A 23 -5.41 6.14 -18.19
N LYS A 24 -5.32 7.47 -18.26
CA LYS A 24 -4.58 8.25 -17.27
C LYS A 24 -5.50 8.72 -16.17
N PHE A 25 -5.01 8.72 -14.94
CA PHE A 25 -5.79 9.11 -13.78
C PHE A 25 -4.87 9.54 -12.66
N SER A 26 -5.43 10.21 -11.67
CA SER A 26 -4.66 10.58 -10.48
C SER A 26 -5.54 10.40 -9.26
N VAL A 27 -4.91 10.16 -8.13
CA VAL A 27 -5.58 9.98 -6.85
C VAL A 27 -4.87 10.80 -5.81
N SER A 28 -5.64 11.53 -5.01
CA SER A 28 -5.12 12.19 -3.80
C SER A 28 -5.75 11.50 -2.59
N GLY A 29 -5.01 11.39 -1.53
CA GLY A 29 -5.53 10.86 -0.28
C GLY A 29 -5.05 11.64 0.92
N GLU A 30 -5.89 11.68 1.94
CA GLU A 30 -5.56 12.30 3.22
C GLU A 30 -6.11 11.46 4.36
N GLY A 31 -5.42 11.50 5.48
CA GLY A 31 -5.92 10.90 6.70
C GLY A 31 -4.85 10.83 7.73
N GLU A 32 -4.85 9.81 8.56
CA GLU A 32 -3.89 9.75 9.62
C GLU A 32 -3.62 8.30 10.00
N GLY A 33 -2.43 8.14 10.56
CA GLY A 33 -1.95 6.83 11.00
C GLY A 33 -1.58 6.85 12.45
N ASP A 34 -1.84 5.73 13.13
CA ASP A 34 -1.55 5.60 14.53
C ASP A 34 -0.90 4.19 14.67
N ALA A 35 0.40 4.15 14.41
CA ALA A 35 1.15 2.88 14.35
C ALA A 35 1.12 2.10 15.66
N THR A 36 0.94 2.79 16.77
CA THR A 36 0.84 2.14 18.06
C THR A 36 -0.28 1.08 18.04
N TYR A 37 -1.33 1.38 17.27
CA TYR A 37 -2.49 0.49 17.15
C TYR A 37 -2.58 -0.15 15.76
N GLY A 38 -1.54 -0.03 14.95
CA GLY A 38 -1.54 -0.56 13.60
C GLY A 38 -2.58 0.05 12.70
N LYS A 39 -2.99 1.29 12.96
CA LYS A 39 -4.22 1.81 12.41
C LYS A 39 -4.00 2.90 11.37
N LEU A 40 -4.78 2.84 10.28
CA LEU A 40 -4.83 4.05 9.48
CA LEU A 40 -4.86 3.79 9.21
C LEU A 40 -6.22 4.21 8.93
C LEU A 40 -6.32 4.18 8.95
N THR A 41 -6.54 5.47 8.73
CA THR A 41 -7.82 5.97 8.26
C THR A 41 -7.50 6.96 7.14
N LEU A 42 -8.01 6.72 5.93
CA LEU A 42 -7.76 7.59 4.79
C LEU A 42 -9.00 7.72 3.93
N LYS A 43 -9.05 8.86 3.25
CA LYS A 43 -10.05 9.09 2.20
C LYS A 43 -9.29 9.48 0.93
N PHE A 44 -9.59 8.78 -0.16
CA PHE A 44 -8.97 8.98 -1.45
C PHE A 44 -9.98 9.54 -2.44
N ILE A 45 -9.52 10.41 -3.33
CA ILE A 45 -10.33 11.04 -4.36
C ILE A 45 -9.65 10.86 -5.70
N SER A 46 -10.42 10.50 -6.71
CA SER A 46 -9.93 10.45 -8.11
C SER A 46 -10.05 11.82 -8.72
N THR A 47 -8.95 12.41 -9.16
CA THR A 47 -8.90 13.84 -9.43
C THR A 47 -8.78 14.27 -10.91
N THR A 48 -8.48 13.37 -11.86
CA THR A 48 -8.36 13.74 -13.27
C THR A 48 -9.28 12.87 -14.13
N GLY A 49 -8.75 12.03 -15.01
CA GLY A 49 -9.56 11.19 -15.88
C GLY A 49 -10.37 10.17 -15.12
N LYS A 50 -11.42 9.65 -15.76
CA LYS A 50 -12.24 8.59 -15.19
C LYS A 50 -11.38 7.45 -14.72
N LEU A 51 -11.54 7.05 -13.47
CA LEU A 51 -10.73 5.99 -12.90
C LEU A 51 -10.92 4.70 -13.72
N PRO A 52 -9.88 4.13 -14.30
CA PRO A 52 -10.08 3.03 -15.24
C PRO A 52 -10.03 1.65 -14.60
N VAL A 53 -9.77 1.62 -13.30
CA VAL A 53 -9.61 0.36 -12.60
C VAL A 53 -10.41 0.45 -11.30
N PRO A 54 -10.78 -0.70 -10.74
CA PRO A 54 -11.54 -0.67 -9.49
C PRO A 54 -10.70 -0.14 -8.32
N TRP A 55 -11.33 0.64 -7.46
CA TRP A 55 -10.66 1.12 -6.25
C TRP A 55 -9.94 0.01 -5.48
N PRO A 56 -10.56 -1.18 -5.29
CA PRO A 56 -9.85 -2.18 -4.50
C PRO A 56 -8.47 -2.56 -5.06
N THR A 57 -8.30 -2.44 -6.39
CA THR A 57 -7.00 -2.81 -6.98
C THR A 57 -5.90 -1.80 -6.64
N LEU A 58 -6.26 -0.64 -6.07
CA LEU A 58 -5.29 0.40 -5.74
C LEU A 58 -4.90 0.40 -4.26
N VAL A 59 -5.62 -0.35 -3.42
CA VAL A 59 -5.38 -0.29 -1.97
C VAL A 59 -3.93 -0.57 -1.62
N THR A 60 -3.34 -1.66 -2.13
CA THR A 60 -1.99 -1.97 -1.70
C THR A 60 -0.99 -0.91 -2.14
N THR A 61 -1.25 -0.26 -3.28
CA THR A 61 -0.35 0.77 -3.79
C THR A 61 -0.46 2.05 -2.94
N LEU A 62 -1.69 2.45 -2.67
CA LEU A 62 -1.98 3.66 -1.90
C LEU A 62 -1.56 3.52 -0.43
N1 CRO A 63 -1.86 2.34 0.14
CA1 CRO A 63 -1.49 2.00 1.51
CB1 CRO A 63 -2.63 1.86 2.50
CB1 CRO A 63 -2.71 2.11 2.37
CG1 CRO A 63 -3.36 3.23 2.60
CG1 CRO A 63 -3.79 1.14 1.81
OG1 CRO A 63 -3.54 0.86 2.15
OG1 CRO A 63 -2.47 1.75 3.68
C1 CRO A 63 -0.70 0.65 1.49
N2 CRO A 63 -1.17 -0.45 1.76
N3 CRO A 63 0.63 0.71 1.15
C2 CRO A 63 1.06 -0.60 1.18
O2 CRO A 63 2.20 -0.97 0.90
CA2 CRO A 63 -0.16 -1.28 1.60
CA3 CRO A 63 1.46 1.80 0.66
C3 CRO A 63 2.26 2.51 1.72
O3 CRO A 63 3.30 3.13 1.36
CB2 CRO A 63 -0.15 -2.74 1.71
CG2 CRO A 63 -1.23 -3.62 1.96
CD1 CRO A 63 -2.56 -3.21 2.25
CD2 CRO A 63 -0.96 -5.02 1.86
CE1 CRO A 63 -3.58 -4.16 2.47
CE2 CRO A 63 -1.98 -5.96 2.07
CZ CRO A 63 -3.30 -5.57 2.40
OH CRO A 63 -4.24 -6.45 2.67
D2 CRO A 63 -2.04 1.63 -0.37
HA1 CRO A 63 -0.87 2.69 1.83
HB1 CRO A 63 -2.23 1.69 3.35
HB1 CRO A 63 -3.04 2.98 2.35
HG11 CRO A 63 -3.73 3.48 1.73
HG11 CRO A 63 -3.52 0.19 1.91
HG12 CRO A 63 -4.10 3.15 3.25
HG12 CRO A 63 -4.59 1.29 2.33
HG13 CRO A 63 -2.71 3.95 2.91
HG13 CRO A 63 -3.99 1.39 0.85
DOG1 CRO A 63 -3.13 0.11 1.93
DOG1 CRO A 63 -1.60 1.76 3.84
HA31 CRO A 63 0.88 2.41 0.21
HA32 CRO A 63 2.09 1.44 0.02
HB2 CRO A 63 0.74 -3.19 1.53
HD1 CRO A 63 -2.78 -2.21 2.31
HD2 CRO A 63 -0.02 -5.33 1.65
HE1 CRO A 63 -4.43 -3.89 2.68
HE2 CRO A 63 -1.78 -6.89 2.04
N VAL A 64 1.84 2.45 2.95
CA VAL A 64 2.48 3.18 4.05
C VAL A 64 2.67 2.21 5.24
N GLN A 65 3.49 1.18 4.97
CA GLN A 65 3.65 0.06 5.87
C GLN A 65 4.46 0.41 7.12
N CYS A 66 4.99 1.63 7.18
CA CYS A 66 5.48 2.22 8.40
C CYS A 66 4.40 2.38 9.50
N PHE A 67 3.11 2.29 9.12
CA PHE A 67 2.04 2.36 10.12
C PHE A 67 1.61 0.98 10.65
N SER A 68 2.32 -0.07 10.27
CA SER A 68 2.08 -1.38 10.88
C SER A 68 2.44 -1.34 12.35
N ARG A 69 1.73 -2.10 13.17
CA ARG A 69 2.11 -2.26 14.55
C ARG A 69 3.14 -3.38 14.64
N TYR A 70 4.34 -3.02 15.07
CA TYR A 70 5.33 -4.03 15.43
C TYR A 70 5.27 -4.28 16.92
N PRO A 71 5.03 -5.54 17.33
CA PRO A 71 5.16 -5.88 18.74
C PRO A 71 6.52 -5.42 19.28
N ASP A 72 6.58 -5.04 20.55
CA ASP A 72 7.83 -4.66 21.18
C ASP A 72 8.95 -5.65 20.87
N HIS A 73 8.67 -6.95 21.03
CA HIS A 73 9.73 -7.94 20.84
C HIS A 73 10.19 -8.05 19.40
N MET A 74 9.41 -7.50 18.45
CA MET A 74 9.76 -7.50 17.05
C MET A 74 10.30 -6.16 16.53
N LYS A 75 10.51 -5.18 17.41
CA LYS A 75 10.89 -3.85 16.92
C LYS A 75 12.18 -3.85 16.11
N ARG A 76 13.11 -4.76 16.38
CA ARG A 76 14.37 -4.80 15.62
C ARG A 76 14.16 -5.20 14.17
N HIS A 77 12.94 -5.63 13.81
CA HIS A 77 12.62 -6.07 12.47
C HIS A 77 11.85 -5.05 11.66
N ASP A 78 11.62 -3.84 12.19
CA ASP A 78 10.78 -2.84 11.52
C ASP A 78 11.62 -1.95 10.59
N PHE A 79 11.84 -2.46 9.38
CA PHE A 79 12.59 -1.72 8.37
C PHE A 79 11.91 -0.36 8.09
N PHE A 80 10.60 -0.40 7.97
CA PHE A 80 9.86 0.74 7.43
C PHE A 80 10.07 2.02 8.26
N LYS A 81 9.91 1.91 9.58
CA LYS A 81 10.11 3.09 10.42
C LYS A 81 11.58 3.45 10.48
N SER A 82 12.46 2.45 10.38
CA SER A 82 13.90 2.70 10.55
C SER A 82 14.47 3.61 9.47
N ALA A 83 13.84 3.62 8.31
CA ALA A 83 14.30 4.41 7.18
C ALA A 83 13.86 5.87 7.28
N MET A 84 12.99 6.17 8.25
CA MET A 84 12.47 7.53 8.42
C MET A 84 13.42 8.36 9.27
N PRO A 85 13.44 9.69 9.05
CA PRO A 85 12.50 10.46 8.20
C PRO A 85 12.85 10.55 6.72
N GLU A 86 14.08 10.19 6.34
CA GLU A 86 14.49 10.35 4.95
C GLU A 86 13.65 9.50 3.99
N GLY A 87 13.23 8.34 4.46
CA GLY A 87 12.25 7.55 3.78
C GLY A 87 12.76 6.37 3.01
N TYR A 88 11.88 5.76 2.25
CA TYR A 88 12.22 4.61 1.42
C TYR A 88 11.52 4.69 0.07
N VAL A 89 12.14 4.03 -0.91
CA VAL A 89 11.52 3.75 -2.20
C VAL A 89 10.83 2.38 -2.05
N GLN A 90 9.58 2.33 -2.49
CA GLN A 90 8.82 1.08 -2.52
C GLN A 90 8.45 0.82 -3.99
N GLU A 91 8.88 -0.32 -4.51
CA GLU A 91 8.65 -0.68 -5.89
C GLU A 91 7.90 -2.01 -5.91
N ARG A 92 6.92 -2.12 -6.80
CA ARG A 92 6.21 -3.37 -6.98
C ARG A 92 5.99 -3.72 -8.43
N THR A 93 5.83 -5.02 -8.66
CA THR A 93 5.06 -5.53 -9.79
C THR A 93 3.90 -6.34 -9.18
N ILE A 94 2.69 -6.05 -9.67
CA ILE A 94 1.47 -6.72 -9.21
C ILE A 94 0.87 -7.42 -10.44
N PHE A 95 0.89 -8.75 -10.40
CA PHE A 95 0.37 -9.56 -11.51
C PHE A 95 -1.07 -9.93 -11.18
N PHE A 96 -2.02 -9.42 -11.96
CA PHE A 96 -3.40 -9.84 -11.83
C PHE A 96 -3.58 -11.10 -12.67
N LYS A 97 -3.95 -12.18 -12.00
CA LYS A 97 -4.02 -13.48 -12.64
C LYS A 97 -4.92 -13.41 -13.88
N ASP A 98 -4.39 -13.94 -14.98
CA ASP A 98 -5.09 -13.98 -16.27
C ASP A 98 -5.46 -12.58 -16.78
N ASP A 99 -4.69 -11.59 -16.37
CA ASP A 99 -4.91 -10.23 -16.80
C ASP A 99 -3.57 -9.48 -16.75
N GLY A 100 -3.62 -8.16 -16.67
CA GLY A 100 -2.44 -7.34 -16.76
C GLY A 100 -1.65 -7.21 -15.47
N ASN A 101 -0.66 -6.31 -15.52
CA ASN A 101 0.16 -6.04 -14.35
C ASN A 101 0.24 -4.56 -14.08
N TYR A 102 0.37 -4.23 -12.79
CA TYR A 102 0.80 -2.89 -12.38
C TYR A 102 2.29 -2.92 -12.01
N LYS A 103 3.01 -1.90 -12.42
CA LYS A 103 4.34 -1.62 -11.91
C LYS A 103 4.27 -0.27 -11.23
N THR A 104 4.71 -0.22 -9.99
CA THR A 104 4.61 0.98 -9.20
C THR A 104 5.96 1.35 -8.62
N ARG A 105 6.19 2.65 -8.54
CA ARG A 105 7.36 3.17 -7.83
C ARG A 105 6.85 4.29 -6.94
N ALA A 106 7.21 4.23 -5.67
CA ALA A 106 6.74 5.21 -4.70
C ALA A 106 7.91 5.63 -3.82
N GLU A 107 7.81 6.86 -3.32
CA GLU A 107 8.69 7.34 -2.28
C GLU A 107 7.84 7.68 -1.08
N VAL A 108 8.21 7.13 0.06
CA VAL A 108 7.48 7.32 1.32
C VAL A 108 8.45 8.03 2.27
N LYS A 109 8.10 9.23 2.71
CA LYS A 109 9.03 10.00 3.55
C LYS A 109 8.23 11.07 4.29
N PHE A 110 8.85 11.67 5.28
CA PHE A 110 8.25 12.83 5.93
C PHE A 110 8.50 14.12 5.14
N GLU A 111 7.46 14.95 5.09
CA GLU A 111 7.57 16.34 4.67
C GLU A 111 7.05 17.13 5.88
N GLY A 112 7.97 17.64 6.68
CA GLY A 112 7.61 18.19 7.97
C GLY A 112 7.04 17.10 8.85
N ASP A 113 5.85 17.35 9.40
CA ASP A 113 5.15 16.43 10.29
C ASP A 113 4.37 15.36 9.55
N THR A 114 4.29 15.46 8.23
CA THR A 114 3.35 14.67 7.46
C THR A 114 4.05 13.55 6.75
N LEU A 115 3.50 12.36 6.86
CA LEU A 115 4.04 11.18 6.17
C LEU A 115 3.41 11.16 4.77
N VAL A 116 4.27 11.25 3.75
CA VAL A 116 3.84 11.37 2.37
C VAL A 116 4.20 10.11 1.58
N ASN A 117 3.25 9.63 0.78
CA ASN A 117 3.45 8.55 -0.16
C ASN A 117 3.16 9.07 -1.56
N ARG A 118 4.24 9.27 -2.36
CA ARG A 118 4.12 9.76 -3.73
C ARG A 118 4.37 8.59 -4.67
N ILE A 119 3.44 8.32 -5.58
CA ILE A 119 3.43 7.10 -6.37
C ILE A 119 3.27 7.39 -7.86
N GLU A 120 3.99 6.65 -8.68
CA GLU A 120 3.69 6.50 -10.10
C GLU A 120 3.31 5.04 -10.36
N LEU A 121 2.19 4.86 -11.06
CA LEU A 121 1.66 3.53 -11.40
C LEU A 121 1.50 3.40 -12.90
N LYS A 122 2.00 2.30 -13.42
CA LYS A 122 1.89 1.98 -14.84
C LYS A 122 1.29 0.58 -14.98
N GLY A 123 0.15 0.46 -15.67
CA GLY A 123 -0.48 -0.81 -15.89
C GLY A 123 -0.51 -1.13 -17.36
N ILE A 124 -0.14 -2.35 -17.72
CA ILE A 124 -0.16 -2.78 -19.10
C ILE A 124 -0.72 -4.21 -19.17
N ASP A 125 -1.07 -4.59 -20.40
CA ASP A 125 -1.48 -5.95 -20.71
C ASP A 125 -2.86 -6.29 -20.14
N PHE A 126 -3.66 -5.30 -19.77
CA PHE A 126 -5.01 -5.60 -19.30
C PHE A 126 -5.95 -5.90 -20.43
N LYS A 127 -6.92 -6.76 -20.14
CA LYS A 127 -7.98 -7.12 -21.05
C LYS A 127 -9.12 -6.14 -20.98
N GLU A 128 -9.56 -5.70 -22.14
CA GLU A 128 -10.57 -4.65 -22.26
C GLU A 128 -11.81 -4.89 -21.43
N ASP A 129 -12.22 -6.13 -21.42
CA ASP A 129 -13.43 -6.59 -20.75
C ASP A 129 -13.12 -7.60 -19.64
N GLY A 130 -11.91 -7.52 -19.11
CA GLY A 130 -11.55 -8.29 -17.93
C GLY A 130 -12.11 -7.70 -16.66
N ASN A 131 -11.72 -8.28 -15.53
CA ASN A 131 -12.28 -7.86 -14.26
C ASN A 131 -11.85 -6.47 -13.85
N ILE A 132 -10.70 -6.03 -14.35
CA ILE A 132 -10.12 -4.75 -13.96
C ILE A 132 -10.71 -3.64 -14.83
N LEU A 133 -10.42 -3.67 -16.13
CA LEU A 133 -10.93 -2.63 -17.00
C LEU A 133 -12.44 -2.68 -17.14
N GLY A 134 -13.03 -3.86 -16.94
CA GLY A 134 -14.48 -4.00 -16.99
C GLY A 134 -15.19 -3.66 -15.68
N HIS A 135 -14.44 -3.29 -14.65
CA HIS A 135 -15.06 -2.89 -13.35
C HIS A 135 -16.00 -3.98 -12.83
N LYS A 136 -15.45 -5.19 -12.65
CA LYS A 136 -16.23 -6.35 -12.22
C LYS A 136 -15.91 -6.78 -10.78
N LEU A 137 -15.13 -5.99 -10.07
CA LEU A 137 -14.71 -6.31 -8.71
C LEU A 137 -15.63 -5.68 -7.68
N GLU A 138 -15.97 -6.44 -6.65
CA GLU A 138 -16.78 -5.95 -5.56
C GLU A 138 -16.01 -4.89 -4.78
N TYR A 139 -16.77 -3.99 -4.15
CA TYR A 139 -16.21 -2.92 -3.36
C TYR A 139 -16.05 -3.40 -1.90
N ASN A 140 -15.02 -4.21 -1.71
CA ASN A 140 -14.72 -4.80 -0.40
C ASN A 140 -13.28 -5.28 -0.43
N TYR A 141 -12.81 -5.88 0.67
CA TYR A 141 -11.41 -6.17 0.79
C TYR A 141 -11.17 -7.25 1.82
N ASN A 142 -10.34 -8.20 1.43
CA ASN A 142 -10.01 -9.31 2.28
C ASN A 142 -8.79 -9.03 3.20
N SER A 143 -8.56 -9.99 4.07
CA SER A 143 -7.46 -9.95 5.02
C SER A 143 -6.30 -10.83 4.55
N HIS A 144 -5.08 -10.30 4.58
CA HIS A 144 -3.94 -10.94 3.91
C HIS A 144 -2.75 -11.10 4.85
N ASN A 145 -1.80 -11.90 4.41
CA ASN A 145 -0.50 -12.00 5.04
C ASN A 145 0.58 -11.51 4.06
N VAL A 146 1.35 -10.56 4.55
CA VAL A 146 2.39 -9.89 3.76
C VAL A 146 3.74 -10.40 4.22
N TYR A 147 4.46 -11.14 3.38
CA TYR A 147 5.69 -11.80 3.80
C TYR A 147 6.93 -10.94 3.50
N ILE A 148 7.75 -10.76 4.51
CA ILE A 148 8.92 -9.88 4.46
C ILE A 148 10.20 -10.65 4.76
N MET A 149 11.24 -10.35 3.97
CA MET A 149 12.58 -10.84 4.22
C MET A 149 13.58 -9.73 3.93
N ALA A 150 14.75 -9.86 4.53
CA ALA A 150 15.85 -8.95 4.21
C ALA A 150 16.33 -9.18 2.79
N ASP A 151 16.76 -8.10 2.15
CA ASP A 151 17.47 -8.19 0.90
C ASP A 151 18.93 -8.53 1.23
N LYS A 152 19.43 -9.61 0.64
CA LYS A 152 20.79 -10.09 0.92
C LYS A 152 21.85 -9.35 0.11
N GLN A 153 21.44 -8.67 -0.97
CA GLN A 153 22.41 -7.98 -1.85
C GLN A 153 22.54 -6.47 -1.62
N LYS A 154 21.57 -5.87 -0.94
CA LYS A 154 21.59 -4.44 -0.64
C LYS A 154 20.75 -4.14 0.62
N GLN A 155 20.85 -2.93 1.14
CA GLN A 155 20.21 -2.46 2.37
C GLN A 155 18.69 -2.27 2.52
N GLY A 156 17.92 -3.28 2.22
CA GLY A 156 16.50 -3.18 1.97
C GLY A 156 15.80 -4.47 2.34
N ILE A 157 14.56 -4.56 1.89
CA ILE A 157 13.70 -5.72 2.11
C ILE A 157 13.05 -6.14 0.78
N LYS A 158 12.71 -7.43 0.75
CA LYS A 158 11.93 -8.03 -0.32
C LYS A 158 10.64 -8.52 0.32
N VAL A 159 9.54 -8.24 -0.36
CA VAL A 159 8.22 -8.50 0.18
C VAL A 159 7.39 -9.21 -0.89
N ASN A 160 6.61 -10.20 -0.49
CA ASN A 160 5.78 -10.93 -1.44
C ASN A 160 4.47 -11.29 -0.76
N PHE A 161 3.38 -11.23 -1.51
CA PHE A 161 2.08 -11.62 -0.98
C PHE A 161 1.06 -11.66 -2.07
N LYS A 162 -0.01 -12.37 -1.78
CA LYS A 162 -1.19 -12.46 -2.60
C LYS A 162 -2.30 -11.65 -1.96
N THR A 163 -3.06 -10.96 -2.80
CA THR A 163 -4.36 -10.44 -2.39
C THR A 163 -5.43 -11.11 -3.25
N ARG A 164 -6.62 -11.21 -2.68
CA ARG A 164 -7.75 -11.83 -3.31
C ARG A 164 -8.85 -10.79 -3.39
N HIS A 165 -9.25 -10.45 -4.62
CA HIS A 165 -10.28 -9.44 -4.83
C HIS A 165 -11.55 -10.14 -5.28
N ASN A 166 -12.60 -10.05 -4.49
CA ASN A 166 -13.85 -10.69 -4.84
C ASN A 166 -14.41 -10.10 -6.14
N ILE A 167 -14.86 -10.97 -7.01
CA ILE A 167 -15.51 -10.59 -8.27
C ILE A 167 -17.01 -10.61 -8.06
N GLU A 168 -17.73 -9.77 -8.78
CA GLU A 168 -19.18 -9.64 -8.63
C GLU A 168 -19.96 -10.93 -8.87
N ASP A 169 -19.40 -11.87 -9.62
CA ASP A 169 -20.05 -13.15 -9.87
C ASP A 169 -19.79 -14.18 -8.75
N GLY A 170 -19.13 -13.78 -7.69
CA GLY A 170 -18.81 -14.67 -6.59
C GLY A 170 -17.42 -15.29 -6.63
N SER A 171 -16.71 -15.12 -7.74
CA SER A 171 -15.37 -15.67 -7.88
C SER A 171 -14.32 -14.73 -7.26
N VAL A 172 -13.06 -14.98 -7.55
CA VAL A 172 -11.97 -14.22 -6.97
C VAL A 172 -10.93 -13.91 -8.05
N GLN A 173 -10.47 -12.66 -8.02
CA GLN A 173 -9.37 -12.16 -8.85
C GLN A 173 -8.12 -12.09 -7.97
N LEU A 174 -7.16 -12.96 -8.24
CA LEU A 174 -5.89 -13.00 -7.52
C LEU A 174 -4.95 -11.92 -8.03
N ALA A 175 -4.20 -11.34 -7.11
CA ALA A 175 -3.13 -10.40 -7.43
C ALA A 175 -1.89 -10.81 -6.66
N ASP A 176 -0.85 -11.19 -7.39
CA ASP A 176 0.43 -11.59 -6.81
C ASP A 176 1.36 -10.37 -6.81
N HIS A 177 1.82 -10.01 -5.62
CA HIS A 177 2.66 -8.82 -5.42
C HIS A 177 4.11 -9.24 -5.17
N TYR A 178 5.00 -8.59 -5.92
CA TYR A 178 6.44 -8.68 -5.72
C TYR A 178 6.91 -7.25 -5.43
N GLN A 179 7.58 -7.09 -4.31
CA GLN A 179 7.90 -5.78 -3.79
C GLN A 179 9.33 -5.70 -3.29
N GLN A 180 9.93 -4.52 -3.45
CA GLN A 180 11.24 -4.23 -2.92
C GLN A 180 11.18 -2.85 -2.28
N ASN A 181 11.86 -2.70 -1.15
CA ASN A 181 11.99 -1.41 -0.49
C ASN A 181 13.45 -1.16 -0.20
N THR A 182 13.89 0.06 -0.47
CA THR A 182 15.27 0.46 -0.25
C THR A 182 15.25 1.85 0.39
N PRO A 183 16.22 2.15 1.26
CA PRO A 183 16.23 3.47 1.88
C PRO A 183 16.55 4.55 0.85
N ILE A 184 16.00 5.73 1.08
CA ILE A 184 16.36 6.91 0.31
C ILE A 184 17.67 7.51 0.81
N GLY A 185 17.84 7.52 2.11
CA GLY A 185 19.09 7.92 2.73
C GLY A 185 20.12 6.79 2.68
N ASP A 186 21.31 7.12 3.18
CA ASP A 186 22.46 6.22 3.16
C ASP A 186 22.82 5.75 4.55
N GLY A 187 21.99 6.03 5.56
CA GLY A 187 22.27 5.66 6.95
C GLY A 187 21.77 4.26 7.22
N PRO A 188 21.95 3.76 8.46
CA PRO A 188 21.54 2.38 8.69
C PRO A 188 20.02 2.21 8.74
N VAL A 189 19.62 1.00 8.42
CA VAL A 189 18.24 0.58 8.52
C VAL A 189 18.23 -0.72 9.29
N LEU A 190 17.04 -1.12 9.70
CA LEU A 190 16.81 -2.42 10.36
C LEU A 190 16.49 -3.47 9.30
N LEU A 191 17.39 -4.45 9.19
CA LEU A 191 17.23 -5.57 8.26
C LEU A 191 16.59 -6.71 9.05
N PRO A 192 15.41 -7.15 8.65
CA PRO A 192 14.64 -8.07 9.48
C PRO A 192 14.90 -9.54 9.24
N ASP A 193 14.64 -10.33 10.26
CA ASP A 193 14.39 -11.74 10.06
C ASP A 193 13.06 -11.92 9.33
N ASN A 194 12.86 -13.09 8.72
CA ASN A 194 11.64 -13.36 8.01
C ASN A 194 10.46 -13.21 8.96
N HIS A 195 9.42 -12.53 8.50
CA HIS A 195 8.21 -12.37 9.27
C HIS A 195 7.10 -11.98 8.34
N TYR A 196 5.93 -11.70 8.89
CA TYR A 196 4.83 -11.24 8.06
C TYR A 196 4.02 -10.17 8.75
N LEU A 197 3.20 -9.49 7.95
CA LEU A 197 2.21 -8.57 8.44
C LEU A 197 0.84 -9.18 8.18
N SER A 198 0.00 -9.16 9.21
CA SER A 198 -1.39 -9.57 9.13
C SER A 198 -2.26 -8.33 8.90
N THR A 199 -3.01 -8.30 7.80
CA THR A 199 -3.71 -7.12 7.38
C THR A 199 -5.22 -7.35 7.36
N GLN A 200 -5.94 -6.25 7.56
CA GLN A 200 -7.37 -6.22 7.31
C GLN A 200 -7.72 -4.80 6.89
N SER A 201 -8.71 -4.70 6.01
CA SER A 201 -9.14 -3.42 5.47
C SER A 201 -10.61 -3.41 5.25
N ALA A 202 -11.22 -2.25 5.50
CA ALA A 202 -12.65 -2.04 5.29
C ALA A 202 -12.81 -0.82 4.42
N LEU A 203 -13.55 -0.98 3.33
CA LEU A 203 -13.80 0.09 2.37
C LEU A 203 -15.22 0.61 2.54
N SER A 204 -15.39 1.92 2.42
CA SER A 204 -16.70 2.54 2.53
C SER A 204 -16.76 3.78 1.64
N LYS A 205 -17.95 4.38 1.61
CA LYS A 205 -18.18 5.60 0.89
C LYS A 205 -18.80 6.61 1.81
N ASP A 206 -18.50 7.89 1.60
CA ASP A 206 -19.30 8.95 2.21
C ASP A 206 -20.48 9.29 1.30
N PRO A 207 -21.75 9.11 1.75
CA PRO A 207 -22.92 9.37 0.88
C PRO A 207 -23.04 10.84 0.44
N ASN A 208 -22.38 11.73 1.16
CA ASN A 208 -22.35 13.16 0.82
C ASN A 208 -21.22 13.55 -0.12
N GLU A 209 -20.29 12.64 -0.38
CA GLU A 209 -19.22 12.89 -1.33
C GLU A 209 -19.64 12.42 -2.73
N LYS A 210 -19.72 13.35 -3.67
CA LYS A 210 -20.14 13.03 -5.01
C LYS A 210 -18.99 12.80 -5.98
N ARG A 211 -17.76 13.15 -5.61
CA ARG A 211 -16.61 12.77 -6.39
C ARG A 211 -16.37 11.26 -6.22
N ASP A 212 -15.69 10.67 -7.20
CA ASP A 212 -15.32 9.27 -7.14
C ASP A 212 -14.25 9.13 -6.06
N HIS A 213 -14.50 8.27 -5.06
CA HIS A 213 -13.66 8.26 -3.88
C HIS A 213 -13.71 6.91 -3.17
N MET A 214 -12.81 6.74 -2.20
CA MET A 214 -12.76 5.55 -1.38
C MET A 214 -12.36 5.98 0.04
N VAL A 215 -13.13 5.54 1.03
CA VAL A 215 -12.77 5.67 2.44
C VAL A 215 -12.25 4.29 2.89
N LEU A 216 -11.14 4.31 3.59
CA LEU A 216 -10.42 3.11 3.98
C LEU A 216 -10.09 3.17 5.47
N LEU A 217 -10.35 2.05 6.15
CA LEU A 217 -9.93 1.83 7.54
C LEU A 217 -9.13 0.53 7.51
N GLU A 218 -7.91 0.55 8.01
CA GLU A 218 -7.01 -0.58 7.86
C GLU A 218 -6.24 -0.79 9.17
N PHE A 219 -6.08 -2.06 9.52
CA PHE A 219 -5.29 -2.46 10.68
C PHE A 219 -4.28 -3.50 10.25
N VAL A 220 -3.03 -3.31 10.67
CA VAL A 220 -1.94 -4.19 10.29
C VAL A 220 -1.04 -4.44 11.48
N THR A 221 -0.74 -5.71 11.74
CA THR A 221 0.12 -6.10 12.85
C THR A 221 1.20 -7.04 12.33
N ALA A 222 2.45 -6.77 12.72
CA ALA A 222 3.53 -7.71 12.41
C ALA A 222 3.45 -8.93 13.31
N ALA A 223 3.87 -10.07 12.77
CA ALA A 223 3.77 -11.33 13.47
C ALA A 223 4.79 -12.30 12.89
N GLY A 224 4.85 -13.46 13.53
CA GLY A 224 5.63 -14.57 13.01
C GLY A 224 6.96 -14.77 13.71
N ILE A 225 7.28 -13.92 14.69
CA ILE A 225 8.52 -14.04 15.45
C ILE A 225 8.16 -13.98 16.92
N THR A 226 8.55 -15.02 17.65
CA THR A 226 8.12 -15.20 19.03
C THR A 226 9.07 -14.54 20.04
O D3O B . -3.63 16.54 -2.12
D1 D3O B . -3.20 17.26 -1.59
D2 D3O B . -4.42 16.16 -1.66
D3 D3O B . -3.82 16.85 -3.07
#